data_4EBG
#
_entry.id   4EBG
#
_cell.length_a   32.244
_cell.length_b   35.058
_cell.length_c   50.073
_cell.angle_alpha   86.060
_cell.angle_beta   79.660
_cell.angle_gamma   71.600
#
_symmetry.space_group_name_H-M   'P 1'
#
loop_
_entity.id
_entity.type
_entity.pdbx_description
1 polymer 'Uncharacterized protein'
2 non-polymer 1,2-ETHANEDIOL
3 non-polymer 'PHOSPHATE ION'
4 water water
#
_entity_poly.entity_id   1
_entity_poly.type   'polypeptide(L)'
_entity_poly.pdbx_seq_one_letter_code
;GYQKDIDKVYKEQNQ(MSE)NKIASKVQNTIKTDIKQEDSNTHVYKDGKVIVIGIQLYKDREK(MSE)YYFAYEIKDGKA
EINREIDPIKY(MSE)KDHKADYEDENVEVEKD
;
_entity_poly.pdbx_strand_id   A,B
#
loop_
_chem_comp.id
_chem_comp.type
_chem_comp.name
_chem_comp.formula
EDO non-polymer 1,2-ETHANEDIOL 'C2 H6 O2'
PO4 non-polymer 'PHOSPHATE ION' 'O4 P -3'
#
# COMPACT_ATOMS: atom_id res chain seq x y z
N GLY A 1 -12.70 -15.80 -24.00
CA GLY A 1 -11.88 -16.15 -22.81
C GLY A 1 -11.74 -15.02 -21.82
N TYR A 2 -11.02 -15.32 -20.73
CA TYR A 2 -10.89 -14.38 -19.62
C TYR A 2 -9.45 -13.98 -19.35
N GLN A 3 -8.49 -14.47 -20.12
CA GLN A 3 -7.08 -14.21 -19.77
C GLN A 3 -6.73 -12.71 -19.86
N LYS A 4 -7.27 -12.01 -20.85
CA LYS A 4 -7.01 -10.58 -20.97
C LYS A 4 -7.41 -9.87 -19.68
N ASP A 5 -8.58 -10.24 -19.16
CA ASP A 5 -9.03 -9.58 -17.96
C ASP A 5 -8.29 -10.07 -16.73
N ILE A 6 -7.97 -11.35 -16.65
CA ILE A 6 -7.14 -11.83 -15.51
C ILE A 6 -5.81 -11.07 -15.49
N ASP A 7 -5.20 -10.89 -16.65
CA ASP A 7 -3.97 -10.15 -16.73
C ASP A 7 -4.13 -8.72 -16.26
N LYS A 8 -5.23 -8.07 -16.62
CA LYS A 8 -5.49 -6.71 -16.13
CA LYS A 8 -5.47 -6.71 -16.13
C LYS A 8 -5.57 -6.68 -14.60
N VAL A 9 -6.20 -7.71 -14.02
CA VAL A 9 -6.35 -7.78 -12.56
C VAL A 9 -4.99 -7.91 -11.90
N TYR A 10 -4.15 -8.85 -12.36
CA TYR A 10 -2.81 -9.02 -11.75
C TYR A 10 -1.96 -7.76 -11.94
N LYS A 11 -2.09 -7.07 -13.07
CA LYS A 11 -1.33 -5.86 -13.35
C LYS A 11 -1.75 -4.83 -12.29
N GLU A 12 -3.04 -4.66 -12.10
CA GLU A 12 -3.55 -3.71 -11.11
C GLU A 12 -3.15 -4.06 -9.70
N GLN A 13 -3.25 -5.33 -9.34
CA GLN A 13 -2.84 -5.74 -7.99
C GLN A 13 -1.38 -5.42 -7.79
N ASN A 14 -0.55 -5.70 -8.79
CA ASN A 14 0.89 -5.43 -8.67
C ASN A 14 1.24 -3.98 -8.60
N GLN A 15 0.51 -3.14 -9.31
CA GLN A 15 0.71 -1.69 -9.25
C GLN A 15 0.41 -1.18 -7.85
N MSE A 16 -0.70 -1.63 -7.26
CA MSE A 16 -1.05 -1.23 -5.89
CA MSE A 16 -1.03 -1.20 -5.90
C MSE A 16 -0.05 -1.78 -4.89
O MSE A 16 0.32 -1.12 -3.95
CB MSE A 16 -2.47 -1.67 -5.53
CB MSE A 16 -2.49 -1.48 -5.52
CG MSE A 16 -3.52 -0.93 -6.37
CG MSE A 16 -2.90 -2.93 -5.47
SE MSE A 16 -5.29 -1.28 -5.74
SE MSE A 16 -4.76 -3.13 -4.93
CE MSE A 16 -5.29 -3.14 -6.31
CE MSE A 16 -5.51 -2.35 -6.55
N ASN A 17 0.34 -3.04 -5.06
CA ASN A 17 1.31 -3.64 -4.11
C ASN A 17 2.66 -2.93 -4.15
N LYS A 18 3.06 -2.50 -5.32
CA LYS A 18 4.32 -1.78 -5.44
C LYS A 18 4.30 -0.50 -4.61
N ILE A 19 3.22 0.26 -4.72
CA ILE A 19 3.05 1.48 -3.91
CA ILE A 19 3.13 1.48 -3.94
C ILE A 19 2.99 1.14 -2.46
N ALA A 20 2.14 0.18 -2.12
CA ALA A 20 1.95 -0.23 -0.75
C ALA A 20 3.25 -0.61 -0.08
N SER A 21 4.11 -1.29 -0.82
CA SER A 21 5.39 -1.79 -0.28
CA SER A 21 5.35 -1.79 -0.22
C SER A 21 6.34 -0.66 0.12
N LYS A 22 6.12 0.54 -0.43
CA LYS A 22 6.90 1.71 -0.04
CA LYS A 22 6.90 1.72 -0.04
C LYS A 22 6.61 2.14 1.37
N VAL A 23 5.38 1.90 1.84
CA VAL A 23 5.03 2.33 3.18
C VAL A 23 4.97 1.17 4.14
N GLN A 24 4.80 -0.07 3.65
CA GLN A 24 4.71 -1.23 4.47
CA GLN A 24 4.75 -1.27 4.51
C GLN A 24 5.48 -2.33 3.75
N ASN A 25 6.79 -2.43 4.02
CA ASN A 25 7.66 -3.20 3.14
C ASN A 25 7.58 -4.68 3.28
N THR A 26 6.67 -5.20 4.10
CA THR A 26 6.40 -6.64 4.08
C THR A 26 5.40 -7.02 2.96
N ILE A 27 4.79 -6.05 2.29
CA ILE A 27 3.90 -6.33 1.16
CA ILE A 27 3.90 -6.36 1.18
C ILE A 27 4.72 -6.86 -0.01
N LYS A 28 4.31 -8.00 -0.54
CA LYS A 28 5.03 -8.66 -1.60
C LYS A 28 4.70 -8.01 -2.93
N THR A 29 5.72 -7.87 -3.75
CA THR A 29 5.54 -7.28 -5.07
C THR A 29 5.67 -8.32 -6.18
N ASP A 30 5.26 -7.96 -7.39
CA ASP A 30 5.42 -8.86 -8.55
C ASP A 30 4.85 -10.27 -8.34
N ILE A 31 3.61 -10.26 -7.92
CA ILE A 31 2.79 -11.40 -7.73
C ILE A 31 2.45 -12.07 -9.06
N LYS A 32 2.62 -13.39 -9.13
CA LYS A 32 2.37 -14.12 -10.38
CA LYS A 32 2.42 -14.19 -10.35
C LYS A 32 1.15 -15.00 -10.26
N GLN A 33 0.38 -15.04 -11.35
CA GLN A 33 -0.82 -15.88 -11.42
C GLN A 33 -0.56 -17.36 -11.08
N GLU A 34 0.59 -17.87 -11.53
CA GLU A 34 1.00 -19.28 -11.27
CA GLU A 34 0.99 -19.27 -11.27
C GLU A 34 1.23 -19.60 -9.79
N ASP A 35 1.47 -18.59 -8.98
CA ASP A 35 1.60 -18.76 -7.53
C ASP A 35 0.38 -18.39 -6.73
N SER A 36 -0.74 -18.20 -7.44
CA SER A 36 -1.94 -17.65 -6.86
C SER A 36 -3.14 -18.47 -7.28
N ASN A 37 -4.29 -18.18 -6.69
CA ASN A 37 -5.56 -18.81 -7.07
C ASN A 37 -6.40 -17.74 -7.75
N THR A 38 -7.04 -18.11 -8.87
CA THR A 38 -7.89 -17.21 -9.61
C THR A 38 -9.18 -17.90 -9.95
N HIS A 39 -10.28 -17.19 -9.73
CA HIS A 39 -11.61 -17.63 -10.10
C HIS A 39 -12.31 -16.50 -10.81
N VAL A 40 -12.98 -16.86 -11.92
CA VAL A 40 -13.76 -15.92 -12.72
C VAL A 40 -15.25 -16.25 -12.60
N TYR A 41 -16.04 -15.23 -12.39
CA TYR A 41 -17.49 -15.32 -12.23
C TYR A 41 -18.18 -14.38 -13.15
N LYS A 42 -19.48 -14.62 -13.34
CA LYS A 42 -20.35 -13.74 -14.08
C LYS A 42 -19.80 -13.42 -15.47
N ASP A 43 -19.39 -14.49 -16.15
CA ASP A 43 -18.82 -14.39 -17.47
CA ASP A 43 -18.80 -14.42 -17.49
C ASP A 43 -17.72 -13.35 -17.58
N GLY A 44 -16.92 -13.22 -16.51
CA GLY A 44 -15.79 -12.34 -16.52
C GLY A 44 -15.99 -11.01 -15.82
N LYS A 45 -17.20 -10.72 -15.34
CA LYS A 45 -17.48 -9.42 -14.68
CA LYS A 45 -17.43 -9.42 -14.72
C LYS A 45 -16.83 -9.30 -13.32
N VAL A 46 -16.64 -10.44 -12.66
CA VAL A 46 -16.04 -10.45 -11.33
C VAL A 46 -14.94 -11.50 -11.33
N ILE A 47 -13.76 -11.13 -10.83
CA ILE A 47 -12.60 -11.98 -10.74
C ILE A 47 -12.07 -11.93 -9.34
N VAL A 48 -11.93 -13.08 -8.69
CA VAL A 48 -11.42 -13.13 -7.33
C VAL A 48 -10.09 -13.84 -7.34
N ILE A 49 -9.09 -13.19 -6.75
CA ILE A 49 -7.75 -13.71 -6.66
C ILE A 49 -7.35 -13.90 -5.22
N GLY A 50 -6.59 -14.96 -5.05
CA GLY A 50 -5.96 -15.27 -3.76
C GLY A 50 -4.47 -15.30 -3.90
N ILE A 51 -3.79 -14.45 -3.13
CA ILE A 51 -2.39 -14.19 -3.35
C ILE A 51 -1.62 -14.21 -2.02
N GLN A 52 -0.31 -14.44 -2.14
CA GLN A 52 0.60 -14.26 -1.00
C GLN A 52 0.90 -12.78 -0.83
N LEU A 53 0.04 -12.10 -0.11
CA LEU A 53 0.14 -10.64 0.06
C LEU A 53 1.41 -10.22 0.79
N TYR A 54 1.83 -11.02 1.75
CA TYR A 54 2.94 -10.66 2.63
C TYR A 54 4.12 -11.57 2.41
N LYS A 55 5.30 -10.96 2.32
CA LYS A 55 6.55 -11.70 2.26
C LYS A 55 6.77 -12.59 3.50
N ASP A 56 6.27 -12.13 4.65
CA ASP A 56 6.50 -12.82 5.93
C ASP A 56 5.35 -13.74 6.40
N ARG A 57 4.30 -13.92 5.58
CA ARG A 57 3.21 -14.88 5.84
CA ARG A 57 3.24 -14.90 5.84
C ARG A 57 2.98 -15.81 4.62
N GLU A 58 2.76 -17.10 4.87
CA GLU A 58 2.43 -18.10 3.82
C GLU A 58 0.96 -17.97 3.33
N LYS A 59 0.16 -17.34 4.17
CA LYS A 59 -1.28 -17.23 4.06
C LYS A 59 -1.70 -16.53 2.76
N MSE A 60 -2.77 -17.06 2.18
CA MSE A 60 -3.40 -16.49 1.02
CA MSE A 60 -3.41 -16.46 0.98
CA MSE A 60 -3.37 -16.44 1.01
C MSE A 60 -4.42 -15.41 1.44
O MSE A 60 -5.20 -15.65 2.36
CB MSE A 60 -4.08 -17.63 0.28
CB MSE A 60 -4.17 -17.49 0.09
CB MSE A 60 -3.94 -17.51 0.08
CG MSE A 60 -4.69 -17.23 -0.97
CG MSE A 60 -3.39 -18.41 -0.88
CG MSE A 60 -2.92 -18.59 -0.26
SE MSE A 60 -4.78 -18.71 -2.20
SE MSE A 60 -2.19 -17.68 -2.19
SE MSE A 60 -1.33 -17.84 -1.11
CE MSE A 60 -2.95 -18.59 -2.81
CE MSE A 60 -0.56 -17.74 -1.13
CE MSE A 60 -1.92 -17.92 -2.95
N TYR A 61 -4.36 -14.27 0.79
CA TYR A 61 -5.30 -13.18 1.01
C TYR A 61 -6.08 -12.96 -0.28
N TYR A 62 -7.35 -12.72 -0.15
CA TYR A 62 -8.26 -12.67 -1.27
C TYR A 62 -8.78 -11.28 -1.54
N PHE A 63 -8.95 -11.03 -2.82
CA PHE A 63 -9.40 -9.76 -3.30
C PHE A 63 -10.35 -9.95 -4.48
N ALA A 64 -11.44 -9.19 -4.50
CA ALA A 64 -12.41 -9.26 -5.58
C ALA A 64 -12.26 -8.04 -6.47
N TYR A 65 -12.27 -8.27 -7.77
CA TYR A 65 -12.20 -7.24 -8.77
C TYR A 65 -13.44 -7.30 -9.65
N GLU A 66 -13.79 -6.12 -10.15
CA GLU A 66 -14.80 -6.01 -11.18
C GLU A 66 -14.17 -5.52 -12.45
N ILE A 67 -14.62 -6.04 -13.62
CA ILE A 67 -14.20 -5.53 -14.91
C ILE A 67 -15.32 -4.67 -15.41
N LYS A 68 -15.00 -3.38 -15.53
CA LYS A 68 -15.97 -2.34 -15.93
C LYS A 68 -15.28 -1.46 -16.96
N ASP A 69 -15.94 -1.23 -18.09
CA ASP A 69 -15.40 -0.37 -19.16
C ASP A 69 -14.01 -0.85 -19.57
N GLY A 70 -13.80 -2.16 -19.58
CA GLY A 70 -12.50 -2.73 -19.95
C GLY A 70 -11.38 -2.54 -18.93
N LYS A 71 -11.70 -2.11 -17.72
CA LYS A 71 -10.70 -1.88 -16.65
C LYS A 71 -10.95 -2.77 -15.48
N ALA A 72 -9.88 -3.21 -14.84
CA ALA A 72 -9.97 -4.01 -13.61
C ALA A 72 -9.97 -3.04 -12.43
N GLU A 73 -10.97 -3.14 -11.59
CA GLU A 73 -11.11 -2.27 -10.43
CA GLU A 73 -11.15 -2.26 -10.46
C GLU A 73 -11.38 -3.10 -9.20
N ILE A 74 -10.52 -2.96 -8.20
CA ILE A 74 -10.66 -3.69 -6.96
C ILE A 74 -11.93 -3.19 -6.28
N ASN A 75 -12.65 -4.10 -5.63
CA ASN A 75 -13.79 -3.75 -4.86
C ASN A 75 -13.75 -4.37 -3.48
N ARG A 76 -13.29 -3.60 -2.50
CA ARG A 76 -13.17 -4.06 -1.12
C ARG A 76 -14.51 -4.20 -0.39
N GLU A 77 -15.59 -3.72 -0.97
CA GLU A 77 -16.92 -3.93 -0.40
C GLU A 77 -17.43 -5.34 -0.64
N ILE A 78 -16.83 -6.07 -1.60
CA ILE A 78 -17.18 -7.47 -1.80
C ILE A 78 -16.37 -8.34 -0.85
N ASP A 79 -17.03 -9.24 -0.13
CA ASP A 79 -16.37 -10.25 0.69
C ASP A 79 -15.99 -11.39 -0.24
N PRO A 80 -14.69 -11.53 -0.57
CA PRO A 80 -14.35 -12.44 -1.66
C PRO A 80 -14.55 -13.92 -1.31
N ILE A 81 -14.37 -14.27 -0.03
CA ILE A 81 -14.48 -15.67 0.40
C ILE A 81 -15.94 -16.11 0.27
N LYS A 82 -16.83 -15.26 0.76
CA LYS A 82 -18.26 -15.46 0.60
C LYS A 82 -18.68 -15.45 -0.87
N TYR A 83 -18.13 -14.53 -1.64
CA TYR A 83 -18.46 -14.47 -3.09
C TYR A 83 -18.17 -15.82 -3.78
N MSE A 84 -17.03 -16.40 -3.46
CA MSE A 84 -16.67 -17.70 -4.10
C MSE A 84 -17.61 -18.81 -3.61
O MSE A 84 -17.95 -19.71 -4.36
CB MSE A 84 -15.24 -18.08 -3.77
CG MSE A 84 -14.25 -17.09 -4.41
SE MSE A 84 -12.44 -17.66 -4.11
CE MSE A 84 -12.26 -17.14 -2.28
N LYS A 85 -18.05 -18.74 -2.37
CA LYS A 85 -18.92 -19.77 -1.81
C LYS A 85 -20.28 -19.74 -2.50
N ASP A 86 -20.71 -18.54 -2.85
CA ASP A 86 -22.05 -18.27 -3.28
C ASP A 86 -22.25 -18.20 -4.81
N HIS A 87 -21.18 -18.32 -5.58
CA HIS A 87 -21.29 -18.22 -7.04
C HIS A 87 -20.54 -19.39 -7.69
N LYS A 88 -21.00 -19.76 -8.88
CA LYS A 88 -20.40 -20.81 -9.69
C LYS A 88 -19.38 -20.19 -10.64
N ALA A 89 -18.12 -20.58 -10.50
CA ALA A 89 -17.05 -20.02 -11.34
C ALA A 89 -17.13 -20.54 -12.77
N ASP A 90 -16.94 -19.62 -13.71
CA ASP A 90 -16.77 -19.95 -15.12
C ASP A 90 -15.39 -20.50 -15.49
N TYR A 91 -14.40 -20.23 -14.66
CA TYR A 91 -13.02 -20.59 -14.89
C TYR A 91 -12.31 -20.54 -13.54
N GLU A 92 -11.38 -21.45 -13.39
CA GLU A 92 -10.57 -21.50 -12.20
C GLU A 92 -9.14 -21.82 -12.60
N ASP A 93 -8.21 -21.22 -11.88
CA ASP A 93 -6.79 -21.57 -11.97
C ASP A 93 -6.25 -21.61 -10.54
N GLU A 94 -6.32 -22.77 -9.95
CA GLU A 94 -5.98 -22.97 -8.54
CA GLU A 94 -5.98 -22.98 -8.55
C GLU A 94 -4.57 -23.55 -8.45
N ASN A 95 -3.67 -22.80 -7.84
CA ASN A 95 -2.31 -23.27 -7.66
C ASN A 95 -1.89 -23.48 -6.21
N VAL A 96 -2.73 -23.07 -5.26
CA VAL A 96 -2.40 -23.22 -3.81
C VAL A 96 -3.58 -23.85 -3.10
N GLU A 97 -3.35 -25.00 -2.43
CA GLU A 97 -4.47 -25.76 -1.82
C GLU A 97 -5.04 -25.08 -0.59
N GLY B 1 10.95 29.34 3.95
CA GLY B 1 10.61 28.35 4.99
C GLY B 1 10.34 26.99 4.37
N TYR B 2 10.09 26.01 5.21
CA TYR B 2 9.98 24.64 4.72
C TYR B 2 8.56 24.14 4.57
N GLN B 3 7.56 24.91 4.97
CA GLN B 3 6.20 24.37 5.05
C GLN B 3 5.63 23.90 3.70
N LYS B 4 5.93 24.58 2.62
CA LYS B 4 5.47 24.17 1.28
CA LYS B 4 5.41 24.14 1.34
C LYS B 4 5.95 22.74 0.98
N ASP B 5 7.21 22.48 1.30
CA ASP B 5 7.76 21.16 1.06
C ASP B 5 7.29 20.13 2.04
N ILE B 6 7.11 20.50 3.28
CA ILE B 6 6.49 19.59 4.24
C ILE B 6 5.07 19.21 3.75
N ASP B 7 4.32 20.17 3.22
CA ASP B 7 3.01 19.88 2.71
C ASP B 7 3.07 18.84 1.57
N LYS B 8 4.07 18.94 0.70
CA LYS B 8 4.28 17.98 -0.35
C LYS B 8 4.49 16.59 0.22
N VAL B 9 5.31 16.51 1.25
CA VAL B 9 5.60 15.23 1.91
C VAL B 9 4.32 14.60 2.45
N TYR B 10 3.53 15.36 3.21
CA TYR B 10 2.32 14.79 3.79
C TYR B 10 1.31 14.45 2.68
N LYS B 11 1.27 15.23 1.62
CA LYS B 11 0.35 14.88 0.53
C LYS B 11 0.75 13.53 -0.06
N GLU B 12 2.04 13.36 -0.32
CA GLU B 12 2.53 12.14 -0.93
C GLU B 12 2.28 10.96 0.03
N GLN B 13 2.56 11.14 1.32
CA GLN B 13 2.35 10.08 2.26
C GLN B 13 0.89 9.66 2.25
N ASN B 14 -0.02 10.62 2.27
CA ASN B 14 -1.44 10.27 2.26
C ASN B 14 -1.87 9.58 0.95
N GLN B 15 -1.34 10.02 -0.18
CA GLN B 15 -1.65 9.41 -1.46
C GLN B 15 -1.20 7.97 -1.44
N MSE B 16 0.03 7.70 -1.01
CA MSE B 16 0.49 6.31 -0.94
CA MSE B 16 0.48 6.30 -0.99
C MSE B 16 -0.28 5.48 0.05
O MSE B 16 -0.61 4.36 -0.20
CB MSE B 16 1.98 6.29 -0.61
CB MSE B 16 1.99 6.19 -0.82
CG MSE B 16 2.85 6.84 -1.75
CG MSE B 16 2.51 6.59 0.52
SE MSE B 16 4.72 6.57 -1.45
SE MSE B 16 4.42 6.30 0.61
CE MSE B 16 4.81 7.63 0.07
CE MSE B 16 4.83 7.59 -0.75
N ASN B 17 -0.61 6.08 1.21
CA ASN B 17 -1.35 5.31 2.22
C ASN B 17 -2.75 4.97 1.70
N LYS B 18 -3.34 5.86 0.92
CA LYS B 18 -4.68 5.60 0.38
CA LYS B 18 -4.67 5.61 0.39
C LYS B 18 -4.64 4.38 -0.53
N ILE B 19 -3.63 4.28 -1.38
CA ILE B 19 -3.47 3.12 -2.26
CA ILE B 19 -3.50 3.14 -2.29
C ILE B 19 -3.20 1.89 -1.43
N ALA B 20 -2.25 2.01 -0.51
CA ALA B 20 -1.92 0.89 0.35
C ALA B 20 -3.13 0.34 1.09
N SER B 21 -4.02 1.22 1.55
CA SER B 21 -5.18 0.83 2.31
CA SER B 21 -5.13 0.77 2.34
C SER B 21 -6.14 -0.06 1.52
N LYS B 22 -6.07 -0.03 0.19
CA LYS B 22 -6.89 -0.88 -0.68
C LYS B 22 -6.48 -2.33 -0.54
N VAL B 23 -5.20 -2.55 -0.27
CA VAL B 23 -4.74 -3.91 -0.13
C VAL B 23 -4.46 -4.32 1.32
N GLN B 24 -4.30 -3.33 2.21
CA GLN B 24 -4.11 -3.61 3.64
CA GLN B 24 -4.04 -3.56 3.58
C GLN B 24 -4.87 -2.53 4.37
N ASN B 25 -6.10 -2.88 4.76
CA ASN B 25 -7.07 -1.87 5.19
C ASN B 25 -6.90 -1.32 6.59
N THR B 26 -5.87 -1.76 7.31
CA THR B 26 -5.55 -1.14 8.61
C THR B 26 -4.69 0.11 8.49
N ILE B 27 -4.23 0.41 7.29
CA ILE B 27 -3.44 1.62 7.05
C ILE B 27 -4.29 2.88 7.15
N LYS B 28 -3.78 3.83 7.92
CA LYS B 28 -4.42 5.11 8.15
C LYS B 28 -4.25 6.03 6.97
N THR B 29 -5.34 6.69 6.55
CA THR B 29 -5.36 7.52 5.33
C THR B 29 -5.60 9.02 5.49
N ASP B 30 -5.59 9.47 6.74
CA ASP B 30 -5.82 10.87 7.12
C ASP B 30 -4.72 11.31 8.06
N ILE B 31 -3.49 11.22 7.55
CA ILE B 31 -2.30 11.55 8.31
C ILE B 31 -2.22 13.09 8.37
N LYS B 32 -2.02 13.60 9.59
CA LYS B 32 -1.94 15.05 9.80
C LYS B 32 -0.61 15.43 10.47
N GLN B 33 -0.02 16.49 9.96
CA GLN B 33 1.24 17.00 10.50
C GLN B 33 1.16 17.27 12.01
N GLU B 34 0.05 17.83 12.47
CA GLU B 34 -0.09 18.23 13.88
C GLU B 34 -0.24 17.03 14.84
N ASP B 35 -0.41 15.84 14.30
CA ASP B 35 -0.45 14.60 15.07
C ASP B 35 0.79 13.74 14.79
N SER B 36 1.79 14.31 14.12
CA SER B 36 2.94 13.57 13.64
C SER B 36 4.21 14.27 14.14
N ASN B 37 5.36 13.68 13.84
CA ASN B 37 6.65 14.28 14.05
C ASN B 37 7.29 14.58 12.72
N THR B 38 7.84 15.79 12.53
CA THR B 38 8.49 16.23 11.35
C THR B 38 9.83 16.85 11.64
N HIS B 39 10.86 16.45 10.93
CA HIS B 39 12.17 17.06 10.99
C HIS B 39 12.70 17.34 9.60
N VAL B 40 13.29 18.50 9.37
CA VAL B 40 13.90 18.88 8.11
C VAL B 40 15.42 18.95 8.29
N TYR B 41 16.15 18.44 7.29
CA TYR B 41 17.59 18.41 7.27
C TYR B 41 18.10 18.97 5.98
N LYS B 42 19.39 19.30 6.02
CA LYS B 42 20.14 19.72 4.83
C LYS B 42 19.41 20.80 4.06
N ASP B 43 18.88 21.76 4.84
CA ASP B 43 18.17 22.94 4.39
C ASP B 43 17.07 22.62 3.42
N GLY B 44 16.36 21.52 3.72
CA GLY B 44 15.18 21.13 2.98
C GLY B 44 15.36 19.95 2.04
N LYS B 45 16.56 19.41 1.92
CA LYS B 45 16.81 18.36 0.95
C LYS B 45 16.25 17.02 1.45
N VAL B 46 16.24 16.83 2.77
CA VAL B 46 15.72 15.58 3.38
C VAL B 46 14.71 15.93 4.48
N ILE B 47 13.54 15.32 4.44
CA ILE B 47 12.52 15.50 5.44
C ILE B 47 12.13 14.14 5.97
N VAL B 48 12.14 13.97 7.31
CA VAL B 48 11.80 12.74 7.97
C VAL B 48 10.55 12.98 8.75
N ILE B 49 9.54 12.10 8.54
CA ILE B 49 8.32 12.16 9.25
C ILE B 49 8.09 10.89 10.05
N GLY B 50 7.43 11.02 11.17
CA GLY B 50 6.99 9.93 12.00
C GLY B 50 5.47 10.04 12.12
N ILE B 51 4.76 8.96 11.77
CA ILE B 51 3.34 9.03 11.63
C ILE B 51 2.68 7.80 12.24
N GLN B 52 1.40 7.95 12.53
CA GLN B 52 0.56 6.81 12.94
C GLN B 52 0.11 6.04 11.69
N LEU B 53 0.93 5.09 11.23
CA LEU B 53 0.70 4.41 9.97
C LEU B 53 -0.54 3.56 10.00
N TYR B 54 -0.83 2.97 11.15
CA TYR B 54 -1.96 2.06 11.29
C TYR B 54 -3.05 2.63 12.15
N LYS B 55 -4.29 2.46 11.71
CA LYS B 55 -5.42 3.03 12.43
CA LYS B 55 -5.47 2.96 12.42
C LYS B 55 -5.56 2.40 13.82
N ASP B 56 -5.14 1.14 13.94
N ASP B 56 -5.13 1.14 13.94
CA ASP B 56 -5.29 0.33 15.15
CA ASP B 56 -5.28 0.30 15.15
C ASP B 56 -3.96 0.07 15.87
C ASP B 56 -4.13 0.42 16.14
N ARG B 57 -2.99 0.98 15.70
CA ARG B 57 -1.76 0.97 16.49
CA ARG B 57 -1.77 0.95 16.51
C ARG B 57 -1.35 2.41 16.82
N GLU B 58 -0.86 2.63 18.01
CA GLU B 58 -0.44 3.94 18.41
C GLU B 58 0.98 4.27 17.90
N LYS B 59 1.73 3.22 17.63
CA LYS B 59 3.13 3.34 17.26
C LYS B 59 3.39 4.29 16.12
N MSE B 60 4.49 5.03 16.27
CA MSE B 60 4.97 5.93 15.21
CA MSE B 60 4.92 5.89 15.19
C MSE B 60 5.89 5.13 14.27
O MSE B 60 6.79 4.44 14.73
CB MSE B 60 5.81 7.12 15.74
CB MSE B 60 5.55 7.16 15.74
CG MSE B 60 5.09 8.25 16.50
CG MSE B 60 4.67 7.80 16.83
SE MSE B 60 3.79 9.25 15.46
SE MSE B 60 2.94 8.33 16.10
CE MSE B 60 2.21 8.17 15.88
CE MSE B 60 3.56 9.83 15.07
N TYR B 61 5.68 5.33 12.98
CA TYR B 61 6.51 4.76 11.94
C TYR B 61 7.15 5.89 11.17
N TYR B 62 8.46 5.80 10.90
CA TYR B 62 9.23 6.88 10.31
C TYR B 62 9.55 6.60 8.84
N PHE B 63 9.60 7.65 8.06
CA PHE B 63 9.89 7.62 6.64
C PHE B 63 10.73 8.82 6.26
N ALA B 64 11.76 8.59 5.46
CA ALA B 64 12.58 9.64 4.93
C ALA B 64 12.18 10.00 3.50
N TYR B 65 12.05 11.28 3.22
CA TYR B 65 11.77 11.80 1.90
C TYR B 65 12.92 12.68 1.46
N GLU B 66 13.12 12.69 0.16
CA GLU B 66 14.00 13.69 -0.45
C GLU B 66 13.14 14.64 -1.26
N ILE B 67 13.54 15.90 -1.28
CA ILE B 67 12.89 16.88 -2.10
C ILE B 67 13.83 17.06 -3.29
N LYS B 68 13.38 16.59 -4.45
CA LYS B 68 14.18 16.68 -5.66
CA LYS B 68 14.16 16.60 -5.68
C LYS B 68 13.31 17.23 -6.78
N ASP B 69 13.84 18.25 -7.45
CA ASP B 69 13.10 18.97 -8.51
C ASP B 69 11.68 19.39 -8.09
N GLY B 70 11.60 19.92 -6.87
CA GLY B 70 10.32 20.41 -6.30
C GLY B 70 9.30 19.34 -5.93
N LYS B 71 9.68 18.07 -5.98
CA LYS B 71 8.76 17.00 -5.61
C LYS B 71 9.26 16.22 -4.39
N ALA B 72 8.31 15.71 -3.58
CA ALA B 72 8.62 14.87 -2.42
C ALA B 72 8.65 13.43 -2.87
N GLU B 73 9.80 12.79 -2.69
CA GLU B 73 9.96 11.40 -3.07
C GLU B 73 10.42 10.58 -1.89
N ILE B 74 9.67 9.57 -1.50
CA ILE B 74 10.08 8.68 -0.42
C ILE B 74 11.33 7.94 -0.81
N ASN B 75 12.21 7.70 0.15
CA ASN B 75 13.41 6.97 -0.09
C ASN B 75 13.63 5.96 1.00
N ARG B 76 13.22 4.72 0.75
CA ARG B 76 13.33 3.67 1.74
C ARG B 76 14.75 3.14 1.87
N GLU B 77 15.68 3.60 1.03
CA GLU B 77 17.10 3.33 1.23
C GLU B 77 17.71 4.14 2.35
N ILE B 78 17.05 5.21 2.76
CA ILE B 78 17.51 5.99 3.89
C ILE B 78 16.88 5.44 5.15
N ASP B 79 17.69 5.09 6.12
CA ASP B 79 17.20 4.64 7.43
C ASP B 79 16.82 5.90 8.25
N PRO B 80 15.54 6.17 8.44
CA PRO B 80 15.17 7.48 9.01
C PRO B 80 15.61 7.67 10.46
N ILE B 81 15.64 6.59 11.23
CA ILE B 81 16.02 6.65 12.65
C ILE B 81 17.49 7.05 12.72
N LYS B 82 18.32 6.36 11.94
CA LYS B 82 19.71 6.66 11.90
C LYS B 82 19.91 8.11 11.40
N TYR B 83 19.13 8.51 10.41
CA TYR B 83 19.32 9.82 9.83
C TYR B 83 19.12 10.88 10.90
N MSE B 84 18.05 10.73 11.68
CA MSE B 84 17.76 11.74 12.73
C MSE B 84 18.83 11.78 13.80
O MSE B 84 19.16 12.81 14.34
CB MSE B 84 16.41 11.46 13.37
CG MSE B 84 15.22 11.61 12.43
SE MSE B 84 13.52 11.34 13.30
CE MSE B 84 13.62 9.54 13.53
N LYS B 85 19.37 10.63 14.11
CA LYS B 85 20.45 10.50 15.10
C LYS B 85 21.70 11.25 14.70
N ASP B 86 21.97 11.14 13.42
CA ASP B 86 23.26 11.51 12.85
C ASP B 86 23.34 12.92 12.34
N HIS B 87 22.21 13.65 12.26
CA HIS B 87 22.20 14.99 11.65
C HIS B 87 21.48 15.99 12.55
N LYS B 88 21.84 17.26 12.40
CA LYS B 88 21.23 18.35 13.10
C LYS B 88 20.09 18.92 12.25
N ALA B 89 18.88 18.95 12.79
CA ALA B 89 17.71 19.41 12.08
C ALA B 89 17.74 20.92 11.95
N ASP B 90 17.18 21.35 10.83
CA ASP B 90 16.88 22.75 10.61
C ASP B 90 15.48 23.20 11.09
N TYR B 91 14.66 22.22 11.39
CA TYR B 91 13.26 22.43 11.74
C TYR B 91 12.78 21.19 12.43
N GLU B 92 11.98 21.37 13.47
CA GLU B 92 11.33 20.28 14.21
C GLU B 92 9.88 20.68 14.51
N ASP B 93 8.95 19.75 14.30
CA ASP B 93 7.56 19.89 14.71
C ASP B 93 7.21 18.54 15.35
N GLU B 94 7.41 18.45 16.65
CA GLU B 94 7.32 17.21 17.40
C GLU B 94 6.04 17.20 18.21
N ASN B 95 5.07 16.45 17.74
CA ASN B 95 3.79 16.38 18.40
C ASN B 95 3.52 15.09 19.16
N VAL B 96 4.41 14.10 19.01
CA VAL B 96 4.26 12.81 19.69
C VAL B 96 5.56 12.50 20.37
N GLU B 97 5.53 12.61 21.71
CA GLU B 97 6.63 12.23 22.57
CA GLU B 97 6.65 12.23 22.55
C GLU B 97 6.44 10.77 22.99
N VAL B 98 7.43 9.95 22.71
CA VAL B 98 7.38 8.54 23.12
C VAL B 98 8.60 8.21 23.96
N GLU B 99 8.38 8.02 25.27
CA GLU B 99 9.48 7.78 26.24
C GLU B 99 10.32 6.53 25.91
C1 EDO C . -9.16 -18.59 -19.72
O1 EDO C . -9.77 -17.66 -20.60
C2 EDO C . -8.20 -19.45 -20.55
O2 EDO C . -6.90 -18.85 -20.66
P PO4 D . -7.61 11.08 14.38
O1 PO4 D . -6.86 10.32 15.47
O2 PO4 D . -7.95 12.37 15.01
O3 PO4 D . -6.68 11.17 13.19
O4 PO4 D . -8.88 10.22 14.07
#